data_8V14
#
_entry.id   8V14
#
_cell.length_a   41.358
_cell.length_b   75.921
_cell.length_c   152.381
_cell.angle_alpha   90.000
_cell.angle_beta   90.000
_cell.angle_gamma   90.000
#
_symmetry.space_group_name_H-M   'P 21 21 21'
#
loop_
_entity.id
_entity.type
_entity.pdbx_description
1 polymer 'NMDA receptor auxiliary protein'
2 non-polymer 'CALCIUM ION'
3 water water
#
_entity_poly.entity_id   1
_entity_poly.type   'polypeptide(L)'
_entity_poly.pdbx_seq_one_letter_code
;GFSIRDIINGKRGADAATPCPTWHPFACPSGECVPIKYLCDGSPDCSDEYDENKSMCTAATRPPVEETQAFLKALMSAHG
KDFLVKVFGPKAKAELSGMGGVDKVAVALSQTPTADLFASEMKLDDGETQHMLEVMEGILNGSTDELTSNEAADFRFFVQ
KLQETGFF
;
_entity_poly.pdbx_strand_id   A,B
#
loop_
_chem_comp.id
_chem_comp.type
_chem_comp.name
_chem_comp.formula
CA non-polymer 'CALCIUM ION' 'Ca 2'
#
# COMPACT_ATOMS: atom_id res chain seq x y z
N PHE A 2 -3.62 -27.77 -2.98
CA PHE A 2 -3.37 -27.78 -4.46
C PHE A 2 -2.82 -26.40 -4.88
N SER A 3 -1.69 -26.00 -4.29
CA SER A 3 -0.95 -24.71 -4.54
C SER A 3 0.57 -24.93 -4.33
N ILE A 4 1.41 -24.68 -5.37
CA ILE A 4 2.82 -25.18 -5.51
C ILE A 4 3.68 -24.81 -4.27
N ARG A 5 4.18 -23.56 -4.22
CA ARG A 5 4.97 -22.96 -3.11
C ARG A 5 4.56 -23.60 -1.77
N ASP A 6 3.26 -23.51 -1.45
CA ASP A 6 2.62 -23.79 -0.12
C ASP A 6 2.74 -25.27 0.29
N ILE A 7 2.82 -26.20 -0.66
CA ILE A 7 2.83 -27.68 -0.39
C ILE A 7 3.92 -27.98 0.65
N ILE A 8 5.05 -27.26 0.55
CA ILE A 8 6.39 -27.69 1.07
C ILE A 8 6.75 -26.90 2.35
N ASN A 9 5.88 -26.01 2.83
CA ASN A 9 5.99 -25.34 4.17
C ASN A 9 4.99 -25.97 5.14
N GLY A 10 3.74 -26.18 4.73
CA GLY A 10 2.78 -27.02 5.49
C GLY A 10 1.35 -27.01 4.95
N LYS A 11 0.38 -26.82 5.84
CA LYS A 11 -1.08 -27.07 5.67
C LYS A 11 -1.79 -26.65 6.97
N ARG A 12 -2.79 -25.75 6.88
CA ARG A 12 -3.28 -24.86 7.98
C ARG A 12 -4.14 -25.63 9.02
N GLY A 13 -5.48 -25.54 9.00
CA GLY A 13 -6.38 -25.93 10.11
C GLY A 13 -7.46 -26.94 9.73
N ALA A 14 -8.56 -26.46 9.10
CA ALA A 14 -9.73 -27.22 8.55
C ALA A 14 -11.03 -26.56 9.02
N ASP A 15 -11.61 -25.61 8.26
CA ASP A 15 -11.33 -25.29 6.86
C ASP A 15 -10.02 -24.50 6.71
N ALA A 16 -9.74 -23.97 5.51
CA ALA A 16 -8.55 -23.14 5.19
C ALA A 16 -8.63 -21.78 5.93
N ALA A 17 -9.19 -20.75 5.27
CA ALA A 17 -9.36 -19.33 5.70
C ALA A 17 -9.28 -19.13 7.22
N THR A 18 -8.25 -18.41 7.67
CA THR A 18 -8.31 -17.29 8.66
C THR A 18 -7.60 -16.12 7.99
N PRO A 19 -8.30 -15.29 7.18
CA PRO A 19 -7.65 -14.19 6.46
C PRO A 19 -6.95 -13.23 7.44
N CYS A 20 -6.15 -12.32 6.88
CA CYS A 20 -5.30 -11.34 7.60
C CYS A 20 -6.14 -10.38 8.42
N PRO A 21 -5.66 -9.87 9.58
CA PRO A 21 -6.41 -8.87 10.31
C PRO A 21 -6.27 -7.50 9.63
N THR A 22 -7.19 -6.59 9.90
CA THR A 22 -7.24 -5.22 9.31
C THR A 22 -5.91 -4.47 9.58
N TRP A 23 -5.20 -4.74 10.69
CA TRP A 23 -3.98 -3.99 11.06
C TRP A 23 -2.73 -4.48 10.30
N HIS A 24 -2.78 -5.71 9.74
CA HIS A 24 -1.71 -6.35 8.95
C HIS A 24 -2.43 -6.93 7.74
N PRO A 25 -2.95 -6.11 6.81
CA PRO A 25 -4.00 -6.58 5.91
C PRO A 25 -3.49 -7.25 4.65
N PHE A 26 -2.18 -7.21 4.44
CA PHE A 26 -1.53 -7.73 3.23
C PHE A 26 -1.02 -9.16 3.48
N ALA A 27 -1.53 -10.12 2.71
CA ALA A 27 -1.16 -11.56 2.76
C ALA A 27 0.01 -11.82 1.81
N CYS A 28 1.11 -12.35 2.31
CA CYS A 28 2.22 -12.80 1.43
C CYS A 28 1.95 -14.23 0.97
N PRO A 29 2.42 -14.61 -0.24
CA PRO A 29 2.26 -16.00 -0.71
C PRO A 29 2.77 -17.00 0.35
N SER A 30 3.95 -16.74 0.93
CA SER A 30 4.49 -17.53 2.08
C SER A 30 3.48 -17.57 3.23
N GLY A 31 2.46 -16.71 3.26
CA GLY A 31 1.34 -16.78 4.23
C GLY A 31 1.58 -16.02 5.53
N GLU A 32 2.56 -15.11 5.59
CA GLU A 32 2.61 -14.02 6.61
C GLU A 32 1.66 -12.87 6.21
N CYS A 33 1.20 -12.14 7.21
CA CYS A 33 0.32 -10.94 7.15
C CYS A 33 1.16 -9.72 7.50
N VAL A 34 1.21 -8.67 6.67
CA VAL A 34 2.11 -7.51 6.95
C VAL A 34 1.32 -6.22 6.82
N PRO A 35 1.77 -5.16 7.53
CA PRO A 35 1.18 -3.84 7.40
C PRO A 35 1.56 -3.27 6.02
N ILE A 36 0.70 -2.45 5.46
CA ILE A 36 0.93 -1.76 4.17
C ILE A 36 2.27 -1.02 4.25
N LYS A 37 2.60 -0.39 5.36
CA LYS A 37 3.86 0.36 5.53
C LYS A 37 5.07 -0.47 5.15
N TYR A 38 5.06 -1.80 5.41
CA TYR A 38 6.21 -2.69 5.21
C TYR A 38 6.37 -3.07 3.73
N LEU A 39 5.41 -2.78 2.87
CA LEU A 39 5.53 -3.05 1.41
C LEU A 39 6.54 -2.09 0.81
N CYS A 40 7.52 -2.60 0.05
CA CYS A 40 8.43 -1.75 -0.76
C CYS A 40 9.19 -0.78 0.17
N ASP A 41 9.70 -1.25 1.31
CA ASP A 41 10.32 -0.32 2.28
C ASP A 41 11.82 -0.58 2.32
N GLY A 42 12.36 -1.39 1.43
CA GLY A 42 13.80 -1.62 1.29
C GLY A 42 14.28 -2.74 2.18
N SER A 43 13.40 -3.45 2.89
CA SER A 43 13.84 -4.62 3.68
C SER A 43 12.75 -5.68 3.71
N PRO A 44 13.11 -6.96 3.71
CA PRO A 44 12.14 -8.05 3.57
C PRO A 44 11.45 -8.48 4.87
N ASP A 45 10.14 -8.29 4.94
CA ASP A 45 9.31 -8.64 6.11
C ASP A 45 8.65 -10.00 5.93
N CYS A 46 8.42 -10.43 4.70
CA CYS A 46 7.88 -11.76 4.30
C CYS A 46 9.07 -12.67 4.01
N SER A 47 9.04 -13.91 4.48
CA SER A 47 10.14 -14.90 4.35
C SER A 47 10.46 -15.14 2.88
N ASP A 48 9.45 -15.09 1.99
CA ASP A 48 9.62 -15.18 0.50
C ASP A 48 9.98 -13.81 -0.10
N GLU A 49 10.01 -12.74 0.70
CA GLU A 49 10.46 -11.40 0.27
C GLU A 49 9.52 -10.85 -0.79
N TYR A 50 8.28 -11.34 -0.86
CA TYR A 50 7.26 -10.82 -1.82
C TYR A 50 6.97 -9.32 -1.55
N ASP A 51 7.04 -8.88 -0.28
CA ASP A 51 6.84 -7.47 0.13
C ASP A 51 7.82 -6.56 -0.60
N GLU A 52 8.93 -7.07 -1.11
CA GLU A 52 9.91 -6.24 -1.85
C GLU A 52 9.97 -6.67 -3.33
N ASN A 53 9.07 -7.54 -3.81
CA ASN A 53 8.96 -7.90 -5.26
C ASN A 53 9.09 -6.64 -6.15
N LYS A 54 10.07 -6.62 -7.06
CA LYS A 54 10.41 -5.41 -7.86
C LYS A 54 9.27 -5.09 -8.84
N SER A 55 8.60 -6.09 -9.39
CA SER A 55 7.44 -5.86 -10.28
C SER A 55 6.33 -5.20 -9.46
N MET A 56 6.02 -5.80 -8.32
CA MET A 56 4.94 -5.28 -7.44
C MET A 56 5.29 -3.84 -7.03
N CYS A 57 6.53 -3.56 -6.61
CA CYS A 57 6.97 -2.24 -6.09
C CYS A 57 7.02 -1.19 -7.19
N THR A 58 7.45 -1.57 -8.40
CA THR A 58 7.40 -0.64 -9.57
C THR A 58 5.94 -0.33 -9.95
N ALA A 59 5.07 -1.33 -10.07
CA ALA A 59 3.65 -1.09 -10.36
C ALA A 59 3.05 -0.16 -9.30
N ALA A 60 3.45 -0.31 -8.02
CA ALA A 60 2.86 0.54 -6.95
C ALA A 60 3.17 2.02 -7.20
N THR A 61 4.24 2.36 -7.89
CA THR A 61 4.71 3.75 -8.15
C THR A 61 4.05 4.37 -9.37
N ARG A 62 3.40 3.58 -10.23
CA ARG A 62 2.89 4.07 -11.54
C ARG A 62 1.38 3.99 -11.56
N PRO A 63 0.70 4.57 -12.58
CA PRO A 63 -0.74 4.50 -12.66
C PRO A 63 -1.14 3.04 -12.66
N PRO A 64 -2.28 2.72 -12.03
CA PRO A 64 -2.87 1.38 -12.08
C PRO A 64 -3.01 0.88 -13.54
N VAL A 65 -2.69 -0.37 -13.77
CA VAL A 65 -2.57 -0.95 -15.13
C VAL A 65 -3.87 -0.71 -15.94
N GLU A 66 -5.06 -0.74 -15.34
N GLU A 66 -5.05 -0.82 -15.31
CA GLU A 66 -6.30 -0.57 -16.13
CA GLU A 66 -6.38 -0.49 -15.89
C GLU A 66 -6.44 0.90 -16.62
C GLU A 66 -6.35 0.86 -16.60
N GLU A 67 -5.82 1.86 -15.91
CA GLU A 67 -5.80 3.28 -16.38
C GLU A 67 -4.80 3.39 -17.54
N THR A 68 -3.64 2.79 -17.42
CA THR A 68 -2.67 2.77 -18.54
C THR A 68 -3.28 2.06 -19.79
N GLN A 69 -3.96 0.91 -19.63
CA GLN A 69 -4.68 0.20 -20.72
C GLN A 69 -5.62 1.20 -21.39
N ALA A 70 -6.40 1.92 -20.60
CA ALA A 70 -7.44 2.82 -21.14
C ALA A 70 -6.74 3.93 -21.91
N PHE A 71 -5.70 4.46 -21.31
CA PHE A 71 -4.89 5.59 -21.84
C PHE A 71 -4.28 5.18 -23.20
N LEU A 72 -3.66 4.00 -23.29
CA LEU A 72 -3.08 3.51 -24.60
C LEU A 72 -4.20 3.42 -25.62
N LYS A 73 -5.34 2.86 -25.26
CA LYS A 73 -6.48 2.73 -26.19
C LYS A 73 -6.96 4.10 -26.64
N ALA A 74 -7.00 5.09 -25.74
CA ALA A 74 -7.54 6.42 -26.13
C ALA A 74 -6.56 7.16 -27.06
N LEU A 75 -5.25 7.00 -26.90
CA LEU A 75 -4.27 7.58 -27.84
C LEU A 75 -4.49 7.00 -29.25
N MET A 76 -4.69 5.70 -29.35
CA MET A 76 -4.87 5.06 -30.68
C MET A 76 -6.22 5.42 -31.27
N SER A 77 -7.25 5.62 -30.44
CA SER A 77 -8.55 6.11 -30.94
C SER A 77 -8.42 7.56 -31.45
N ALA A 78 -7.67 8.43 -30.78
CA ALA A 78 -7.49 9.86 -31.15
C ALA A 78 -6.53 9.97 -32.36
N HIS A 79 -5.43 9.22 -32.35
CA HIS A 79 -4.28 9.49 -33.25
C HIS A 79 -4.04 8.38 -34.28
N GLY A 80 -4.76 7.26 -34.18
CA GLY A 80 -4.61 6.18 -35.15
C GLY A 80 -4.13 4.90 -34.52
N LYS A 81 -4.53 3.79 -35.13
CA LYS A 81 -4.15 2.44 -34.66
C LYS A 81 -2.66 2.19 -34.78
N ASP A 82 -1.97 2.95 -35.62
CA ASP A 82 -0.52 2.78 -35.82
C ASP A 82 0.24 3.88 -35.11
N PHE A 83 -0.46 4.72 -34.33
CA PHE A 83 0.17 5.95 -33.75
C PHE A 83 1.42 5.61 -32.94
N LEU A 84 1.40 4.51 -32.21
CA LEU A 84 2.51 4.21 -31.28
C LEU A 84 3.75 3.73 -32.02
N VAL A 85 3.66 3.48 -33.33
CA VAL A 85 4.91 3.33 -34.14
C VAL A 85 5.87 4.51 -33.93
N LYS A 86 5.35 5.74 -33.79
CA LYS A 86 6.19 6.95 -33.62
C LYS A 86 7.04 6.86 -32.36
N VAL A 87 6.67 6.05 -31.38
CA VAL A 87 7.44 5.86 -30.12
C VAL A 87 8.27 4.56 -30.17
N PHE A 88 7.66 3.43 -30.51
CA PHE A 88 8.29 2.11 -30.28
C PHE A 88 8.79 1.48 -31.59
N GLY A 89 8.50 2.08 -32.74
CA GLY A 89 8.84 1.47 -34.04
C GLY A 89 7.74 0.54 -34.57
N PRO A 90 8.04 -0.17 -35.68
CA PRO A 90 7.02 -0.92 -36.42
C PRO A 90 6.28 -2.04 -35.68
N LYS A 91 6.88 -2.57 -34.60
CA LYS A 91 6.21 -3.58 -33.75
C LYS A 91 4.97 -3.01 -33.08
N ALA A 92 4.82 -1.69 -33.03
CA ALA A 92 3.62 -1.07 -32.44
C ALA A 92 2.48 -0.93 -33.41
N LYS A 93 2.68 -1.27 -34.70
CA LYS A 93 1.55 -1.12 -35.64
C LYS A 93 0.38 -2.01 -35.27
N ALA A 94 -0.79 -1.65 -35.76
CA ALA A 94 -2.03 -2.46 -35.65
C ALA A 94 -2.30 -2.68 -34.17
N GLU A 95 -2.31 -1.59 -33.39
CA GLU A 95 -2.72 -1.61 -31.96
C GLU A 95 -1.77 -2.52 -31.16
N LEU A 96 -0.48 -2.31 -31.37
CA LEU A 96 0.65 -2.91 -30.64
C LEU A 96 0.74 -4.42 -30.88
N SER A 97 0.40 -4.86 -32.10
CA SER A 97 0.27 -6.29 -32.46
C SER A 97 1.65 -6.95 -32.34
N GLY A 98 2.76 -6.27 -32.64
CA GLY A 98 4.09 -6.88 -32.56
C GLY A 98 4.70 -6.84 -31.18
N MET A 99 4.00 -6.25 -30.22
CA MET A 99 4.50 -6.07 -28.83
C MET A 99 3.65 -6.88 -27.86
N GLY A 100 2.72 -7.69 -28.38
CA GLY A 100 1.87 -8.53 -27.53
C GLY A 100 0.55 -7.89 -27.20
N GLY A 101 0.18 -6.79 -27.84
CA GLY A 101 -1.16 -6.22 -27.60
C GLY A 101 -1.19 -5.20 -26.47
N VAL A 102 -2.23 -4.40 -26.41
CA VAL A 102 -2.32 -3.29 -25.45
C VAL A 102 -2.29 -3.84 -24.01
N ASP A 103 -2.91 -5.00 -23.70
CA ASP A 103 -2.86 -5.55 -22.31
C ASP A 103 -1.41 -5.82 -21.89
N LYS A 104 -0.64 -6.55 -22.69
CA LYS A 104 0.77 -6.92 -22.38
C LYS A 104 1.61 -5.66 -22.32
N VAL A 105 1.36 -4.67 -23.19
CA VAL A 105 2.14 -3.41 -23.15
C VAL A 105 1.79 -2.61 -21.86
N ALA A 106 0.52 -2.51 -21.50
CA ALA A 106 0.08 -1.80 -20.27
C ALA A 106 0.79 -2.42 -19.03
N VAL A 107 0.85 -3.75 -18.94
CA VAL A 107 1.49 -4.43 -17.78
C VAL A 107 2.99 -4.10 -17.80
N ALA A 108 3.63 -4.19 -18.98
CA ALA A 108 5.09 -3.97 -19.13
C ALA A 108 5.43 -2.54 -18.71
N LEU A 109 4.67 -1.54 -19.13
CA LEU A 109 4.98 -0.13 -18.77
C LEU A 109 4.72 0.13 -17.27
N SER A 110 3.87 -0.65 -16.62
CA SER A 110 3.49 -0.52 -15.19
C SER A 110 4.56 -1.15 -14.30
N GLN A 111 5.14 -2.28 -14.72
CA GLN A 111 5.94 -3.19 -13.88
C GLN A 111 7.44 -3.11 -14.18
N THR A 112 7.87 -2.72 -15.37
CA THR A 112 9.28 -2.90 -15.80
C THR A 112 10.04 -1.69 -15.30
N PRO A 113 11.08 -1.86 -14.46
CA PRO A 113 11.67 -0.70 -13.79
C PRO A 113 12.26 0.28 -14.82
N THR A 114 12.98 -0.20 -15.85
CA THR A 114 13.71 0.69 -16.78
C THR A 114 13.36 0.42 -18.25
N ALA A 115 13.53 1.45 -19.07
CA ALA A 115 13.39 1.43 -20.54
C ALA A 115 14.22 0.27 -21.13
N ASP A 116 15.42 0.05 -20.61
CA ASP A 116 16.34 -1.02 -21.05
C ASP A 116 15.66 -2.38 -20.87
N LEU A 117 15.04 -2.62 -19.72
CA LEU A 117 14.42 -3.93 -19.44
C LEU A 117 13.13 -4.02 -20.27
N PHE A 118 12.41 -2.92 -20.43
CA PHE A 118 11.21 -2.84 -21.29
C PHE A 118 11.59 -3.21 -22.74
N ALA A 119 12.67 -2.63 -23.28
CA ALA A 119 13.15 -2.81 -24.68
C ALA A 119 13.46 -4.28 -24.89
N SER A 120 14.10 -4.90 -23.92
CA SER A 120 14.50 -6.32 -23.98
C SER A 120 13.29 -7.24 -23.93
N GLU A 121 12.33 -6.97 -23.05
CA GLU A 121 11.07 -7.76 -23.00
C GLU A 121 10.36 -7.65 -24.36
N MET A 122 10.30 -6.44 -24.93
CA MET A 122 9.53 -6.19 -26.16
C MET A 122 10.35 -6.53 -27.42
N LYS A 123 11.59 -6.98 -27.27
CA LYS A 123 12.52 -7.32 -28.38
C LYS A 123 12.71 -6.11 -29.31
N LEU A 124 12.84 -4.92 -28.76
CA LEU A 124 13.22 -3.75 -29.59
C LEU A 124 14.73 -3.84 -29.87
N ASP A 125 15.19 -3.53 -31.08
CA ASP A 125 16.65 -3.55 -31.39
C ASP A 125 17.29 -2.32 -30.75
N ASP A 126 18.61 -2.18 -30.90
CA ASP A 126 19.41 -1.03 -30.39
C ASP A 126 18.83 0.28 -30.92
N GLY A 127 18.56 0.39 -32.21
CA GLY A 127 18.07 1.63 -32.86
C GLY A 127 16.67 1.99 -32.40
N GLU A 128 15.80 1.00 -32.23
CA GLU A 128 14.42 1.23 -31.75
C GLU A 128 14.46 1.71 -30.29
N THR A 129 15.30 1.12 -29.45
CA THR A 129 15.43 1.51 -28.03
C THR A 129 15.91 2.98 -27.96
N GLN A 130 16.96 3.30 -28.71
CA GLN A 130 17.56 4.66 -28.74
C GLN A 130 16.50 5.64 -29.24
N HIS A 131 15.75 5.30 -30.27
CA HIS A 131 14.72 6.22 -30.84
C HIS A 131 13.59 6.41 -29.81
N MET A 132 13.20 5.35 -29.09
CA MET A 132 12.17 5.40 -28.03
C MET A 132 12.61 6.43 -26.97
N LEU A 133 13.85 6.36 -26.49
CA LEU A 133 14.41 7.28 -25.47
C LEU A 133 14.46 8.72 -26.02
N GLU A 134 14.82 8.91 -27.29
CA GLU A 134 14.93 10.24 -27.94
C GLU A 134 13.53 10.86 -28.07
N VAL A 135 12.53 10.08 -28.47
CA VAL A 135 11.14 10.57 -28.58
C VAL A 135 10.62 10.96 -27.19
N MET A 136 10.81 10.11 -26.18
CA MET A 136 10.34 10.39 -24.80
C MET A 136 11.03 11.63 -24.22
N GLU A 137 12.34 11.84 -24.47
CA GLU A 137 13.08 13.06 -24.05
C GLU A 137 12.48 14.26 -24.79
N GLY A 138 12.17 14.10 -26.07
CA GLY A 138 11.58 15.14 -26.93
C GLY A 138 10.19 15.52 -26.45
N ILE A 139 9.40 14.55 -26.01
CA ILE A 139 8.04 14.84 -25.46
C ILE A 139 8.20 15.71 -24.21
N LEU A 140 9.16 15.42 -23.33
CA LEU A 140 9.41 16.22 -22.10
C LEU A 140 9.88 17.63 -22.46
N ASN A 141 10.65 17.80 -23.55
CA ASN A 141 11.26 19.07 -24.01
C ASN A 141 10.22 20.07 -24.53
N GLY A 142 9.13 19.56 -25.11
CA GLY A 142 8.21 20.35 -25.95
C GLY A 142 8.54 20.23 -27.44
N SER A 143 9.47 19.33 -27.81
CA SER A 143 9.88 19.09 -29.22
C SER A 143 8.77 18.38 -30.00
N THR A 144 8.62 18.73 -31.27
CA THR A 144 7.57 18.21 -32.22
C THR A 144 8.25 17.65 -33.48
N ASP A 145 9.49 17.17 -33.35
CA ASP A 145 10.25 16.56 -34.47
C ASP A 145 9.55 15.27 -34.91
N GLU A 146 8.88 14.56 -33.98
CA GLU A 146 8.41 13.17 -34.19
C GLU A 146 6.87 13.09 -34.03
N LEU A 147 6.36 13.61 -32.92
CA LEU A 147 4.92 13.72 -32.67
C LEU A 147 4.45 15.10 -33.11
N THR A 148 3.20 15.21 -33.56
CA THR A 148 2.55 16.54 -33.66
C THR A 148 2.40 17.13 -32.24
N SER A 149 2.02 18.40 -32.18
CA SER A 149 1.77 19.21 -30.97
C SER A 149 0.67 18.57 -30.11
N ASN A 150 -0.49 18.21 -30.69
CA ASN A 150 -1.57 17.54 -29.91
C ASN A 150 -1.11 16.16 -29.45
N GLU A 151 -0.35 15.42 -30.27
CA GLU A 151 0.09 14.05 -29.90
C GLU A 151 1.00 14.14 -28.67
N ALA A 152 2.02 14.98 -28.74
CA ALA A 152 2.97 15.22 -27.63
C ALA A 152 2.22 15.65 -26.37
N ALA A 153 1.30 16.62 -26.44
CA ALA A 153 0.53 17.09 -25.24
C ALA A 153 -0.31 15.94 -24.63
N ASP A 154 -0.82 14.98 -25.41
CA ASP A 154 -1.66 13.90 -24.87
C ASP A 154 -0.74 12.90 -24.18
N PHE A 155 0.52 12.82 -24.57
CA PHE A 155 1.46 11.81 -24.05
C PHE A 155 2.29 12.35 -22.86
N ARG A 156 2.39 13.66 -22.70
CA ARG A 156 3.42 14.35 -21.84
C ARG A 156 3.34 13.88 -20.38
N PHE A 157 2.16 13.91 -19.79
CA PHE A 157 1.98 13.57 -18.34
C PHE A 157 2.41 12.12 -18.11
N PHE A 158 2.07 11.21 -19.04
CA PHE A 158 2.43 9.79 -18.87
C PHE A 158 3.95 9.59 -18.91
N VAL A 159 4.62 10.25 -19.85
CA VAL A 159 6.10 10.17 -19.99
C VAL A 159 6.80 10.82 -18.78
N GLN A 160 6.24 11.91 -18.26
CA GLN A 160 6.75 12.56 -17.01
C GLN A 160 6.77 11.58 -15.85
N LYS A 161 5.70 10.77 -15.70
CA LYS A 161 5.52 9.77 -14.62
C LYS A 161 6.49 8.59 -14.78
N LEU A 162 6.72 8.15 -16.02
CA LEU A 162 7.78 7.16 -16.32
C LEU A 162 9.09 7.71 -15.76
N GLN A 163 9.42 8.94 -16.10
CA GLN A 163 10.73 9.52 -15.75
C GLN A 163 10.83 9.72 -14.24
N GLU A 164 9.75 10.15 -13.57
CA GLU A 164 9.76 10.35 -12.10
C GLU A 164 9.92 9.00 -11.41
N THR A 165 9.65 7.88 -12.07
CA THR A 165 9.65 6.53 -11.46
C THR A 165 10.80 5.69 -12.03
N GLY A 166 11.83 6.32 -12.58
CA GLY A 166 13.13 5.67 -12.90
C GLY A 166 13.15 4.94 -14.24
N PHE A 167 12.17 5.15 -15.11
CA PHE A 167 12.12 4.45 -16.43
C PHE A 167 13.27 4.87 -17.33
N PHE A 168 13.53 6.17 -17.38
CA PHE A 168 14.66 6.74 -18.15
C PHE A 168 15.08 8.05 -17.48
N PHE B 2 -4.94 -9.39 -18.86
CA PHE B 2 -3.55 -9.09 -18.40
C PHE B 2 -2.84 -10.39 -18.00
N SER B 3 -3.58 -11.44 -17.58
CA SER B 3 -3.05 -12.83 -17.35
C SER B 3 -3.78 -13.85 -18.25
N ILE B 4 -3.11 -14.49 -19.20
CA ILE B 4 -3.85 -15.44 -20.06
C ILE B 4 -4.24 -16.70 -19.27
N ARG B 5 -3.35 -17.18 -18.38
CA ARG B 5 -3.65 -18.28 -17.41
C ARG B 5 -5.01 -18.06 -16.73
N ASP B 6 -5.21 -16.87 -16.18
CA ASP B 6 -6.37 -16.56 -15.29
C ASP B 6 -7.71 -16.53 -16.03
N ILE B 7 -7.75 -16.47 -17.37
CA ILE B 7 -9.05 -16.39 -18.09
C ILE B 7 -9.78 -17.72 -17.92
N ILE B 8 -9.04 -18.85 -17.96
CA ILE B 8 -9.56 -20.20 -18.27
C ILE B 8 -9.77 -21.08 -17.01
N ASN B 9 -9.41 -20.59 -15.80
CA ASN B 9 -9.90 -21.07 -14.47
C ASN B 9 -11.20 -20.36 -14.05
N GLY B 10 -11.51 -19.21 -14.67
CA GLY B 10 -12.71 -18.38 -14.40
C GLY B 10 -12.57 -17.55 -13.14
N LYS B 11 -13.57 -17.68 -12.25
CA LYS B 11 -13.92 -16.70 -11.18
C LYS B 11 -13.07 -16.95 -9.95
N ARG B 12 -12.35 -15.94 -9.49
CA ARG B 12 -11.48 -16.06 -8.29
C ARG B 12 -12.41 -16.03 -7.08
N GLY B 13 -12.58 -17.18 -6.41
CA GLY B 13 -13.54 -17.37 -5.32
C GLY B 13 -13.16 -16.56 -4.10
N ALA B 14 -13.90 -16.73 -3.00
CA ALA B 14 -13.63 -16.11 -1.69
C ALA B 14 -13.21 -17.20 -0.70
N ASP B 15 -11.94 -17.65 -0.70
CA ASP B 15 -10.83 -17.03 -1.42
C ASP B 15 -9.77 -18.11 -1.78
N ALA B 16 -8.48 -17.82 -1.54
CA ALA B 16 -7.25 -18.63 -1.81
C ALA B 16 -7.33 -19.42 -3.13
N ALA B 17 -6.50 -20.47 -3.24
CA ALA B 17 -6.21 -21.30 -4.43
C ALA B 17 -4.87 -20.84 -5.03
N THR B 18 -4.81 -19.61 -5.57
CA THR B 18 -3.58 -18.95 -6.10
C THR B 18 -3.46 -17.55 -5.48
N PRO B 19 -2.41 -16.76 -5.81
CA PRO B 19 -2.30 -15.37 -5.36
C PRO B 19 -2.69 -14.31 -6.43
N CYS B 20 -2.98 -13.07 -5.99
CA CYS B 20 -3.27 -11.89 -6.84
C CYS B 20 -2.02 -11.56 -7.66
N PRO B 21 -2.11 -11.02 -8.89
CA PRO B 21 -0.90 -10.71 -9.65
C PRO B 21 -0.16 -9.52 -9.06
N THR B 22 1.09 -9.34 -9.43
CA THR B 22 1.96 -8.25 -8.92
C THR B 22 1.35 -6.85 -9.17
N TRP B 23 0.65 -6.61 -10.28
CA TRP B 23 0.11 -5.27 -10.61
C TRP B 23 -1.16 -4.89 -9.80
N HIS B 24 -1.88 -5.89 -9.27
CA HIS B 24 -3.11 -5.78 -8.45
C HIS B 24 -2.92 -6.70 -7.24
N PRO B 25 -1.94 -6.38 -6.36
CA PRO B 25 -1.42 -7.38 -5.42
C PRO B 25 -2.30 -7.59 -4.18
N PHE B 26 -3.22 -6.67 -3.89
CA PHE B 26 -4.05 -6.72 -2.67
C PHE B 26 -5.34 -7.54 -2.89
N ALA B 27 -5.50 -8.65 -2.13
CA ALA B 27 -6.66 -9.58 -2.20
C ALA B 27 -7.79 -9.07 -1.29
N CYS B 28 -8.95 -8.76 -1.85
CA CYS B 28 -10.18 -8.57 -1.05
C CYS B 28 -10.71 -9.94 -0.63
N PRO B 29 -11.34 -10.06 0.55
CA PRO B 29 -11.96 -11.33 0.94
C PRO B 29 -12.96 -11.85 -0.11
N SER B 30 -13.71 -10.93 -0.74
CA SER B 30 -14.67 -11.20 -1.84
C SER B 30 -13.96 -11.79 -3.07
N GLY B 31 -12.63 -11.75 -3.12
CA GLY B 31 -11.82 -12.49 -4.10
C GLY B 31 -11.31 -11.60 -5.24
N GLU B 32 -11.73 -10.34 -5.30
CA GLU B 32 -11.16 -9.37 -6.26
C GLU B 32 -9.71 -9.06 -5.85
N CYS B 33 -8.93 -8.66 -6.84
CA CYS B 33 -7.52 -8.21 -6.69
C CYS B 33 -7.46 -6.72 -7.03
N VAL B 34 -6.89 -5.86 -6.18
CA VAL B 34 -6.83 -4.40 -6.48
C VAL B 34 -5.42 -3.87 -6.30
N PRO B 35 -5.12 -2.74 -7.00
CA PRO B 35 -3.86 -2.04 -6.84
C PRO B 35 -3.83 -1.36 -5.48
N ILE B 36 -2.64 -1.20 -4.91
CA ILE B 36 -2.41 -0.56 -3.60
C ILE B 36 -3.01 0.85 -3.62
N LYS B 37 -2.89 1.55 -4.74
CA LYS B 37 -3.37 2.95 -4.88
C LYS B 37 -4.89 3.02 -4.62
N TYR B 38 -5.64 1.96 -4.90
CA TYR B 38 -7.12 1.98 -4.71
C TYR B 38 -7.51 1.66 -3.24
N LEU B 39 -6.58 1.40 -2.35
CA LEU B 39 -6.92 1.26 -0.91
C LEU B 39 -7.20 2.64 -0.29
N CYS B 40 -8.24 2.75 0.54
CA CYS B 40 -8.47 3.93 1.42
C CYS B 40 -8.53 5.18 0.53
N ASP B 41 -9.24 5.12 -0.60
CA ASP B 41 -9.26 6.22 -1.60
C ASP B 41 -10.66 6.80 -1.72
N GLY B 42 -11.59 6.38 -0.86
CA GLY B 42 -12.91 6.98 -0.72
C GLY B 42 -13.94 6.31 -1.61
N SER B 43 -13.60 5.31 -2.41
CA SER B 43 -14.64 4.61 -3.19
C SER B 43 -14.37 3.10 -3.26
N PRO B 44 -15.42 2.26 -3.22
CA PRO B 44 -15.26 0.82 -3.09
C PRO B 44 -14.86 0.12 -4.39
N ASP B 45 -13.75 -0.60 -4.36
CA ASP B 45 -13.22 -1.36 -5.52
C ASP B 45 -13.39 -2.87 -5.27
N CYS B 46 -13.50 -3.31 -4.00
CA CYS B 46 -13.95 -4.68 -3.65
C CYS B 46 -15.48 -4.64 -3.59
N SER B 47 -16.16 -5.70 -4.01
CA SER B 47 -17.65 -5.77 -3.93
C SER B 47 -18.08 -5.74 -2.46
N ASP B 48 -17.22 -6.16 -1.53
CA ASP B 48 -17.46 -6.19 -0.06
C ASP B 48 -16.87 -4.92 0.60
N GLU B 49 -16.32 -3.98 -0.17
CA GLU B 49 -15.80 -2.65 0.27
C GLU B 49 -14.65 -2.80 1.28
N TYR B 50 -14.03 -3.97 1.36
CA TYR B 50 -12.90 -4.21 2.27
C TYR B 50 -11.77 -3.20 2.01
N ASP B 51 -11.61 -2.71 0.78
CA ASP B 51 -10.57 -1.70 0.46
C ASP B 51 -10.82 -0.38 1.20
N GLU B 52 -12.04 -0.12 1.69
CA GLU B 52 -12.35 1.16 2.41
C GLU B 52 -12.65 0.88 3.89
N ASN B 53 -12.37 -0.32 4.39
CA ASN B 53 -12.62 -0.75 5.78
C ASN B 53 -11.96 0.26 6.75
N LYS B 54 -12.73 0.82 7.67
CA LYS B 54 -12.32 2.02 8.44
C LYS B 54 -11.18 1.65 9.40
N SER B 55 -11.21 0.46 9.98
CA SER B 55 -10.12 -0.04 10.84
C SER B 55 -8.83 -0.21 10.03
N MET B 56 -8.92 -0.90 8.89
CA MET B 56 -7.76 -1.06 7.99
C MET B 56 -7.14 0.28 7.65
N CYS B 57 -7.96 1.24 7.23
CA CYS B 57 -7.52 2.55 6.68
C CYS B 57 -6.95 3.40 7.85
N THR B 58 -7.51 3.27 9.05
CA THR B 58 -6.95 4.02 10.22
C THR B 58 -5.57 3.47 10.53
N ALA B 59 -5.49 2.15 10.64
CA ALA B 59 -4.23 1.50 10.99
C ALA B 59 -3.16 1.83 9.94
N ALA B 60 -3.54 1.96 8.65
CA ALA B 60 -2.53 2.26 7.60
C ALA B 60 -1.89 3.65 7.82
N THR B 61 -2.54 4.56 8.51
CA THR B 61 -2.01 5.95 8.77
C THR B 61 -1.17 6.01 10.07
N ARG B 62 -1.13 4.95 10.88
CA ARG B 62 -0.49 4.98 12.23
C ARG B 62 0.67 4.02 12.24
N PRO B 63 1.56 4.11 13.24
CA PRO B 63 2.67 3.16 13.33
C PRO B 63 2.15 1.73 13.31
N PRO B 64 2.89 0.82 12.66
CA PRO B 64 2.55 -0.61 12.65
C PRO B 64 2.27 -1.14 14.05
N VAL B 65 1.27 -1.98 14.29
N VAL B 65 1.18 -1.95 14.18
CA VAL B 65 0.81 -2.24 15.71
CA VAL B 65 0.74 -2.72 15.39
C VAL B 65 1.87 -3.14 16.41
C VAL B 65 1.96 -3.00 16.27
N GLU B 66 2.86 -3.77 15.70
CA GLU B 66 3.97 -4.44 16.43
C GLU B 66 4.96 -3.43 16.97
N GLU B 67 5.13 -2.32 16.29
CA GLU B 67 6.00 -1.25 16.83
C GLU B 67 5.29 -0.61 18.04
N THR B 68 4.01 -0.28 17.90
CA THR B 68 3.25 0.34 19.01
C THR B 68 3.30 -0.62 20.21
N GLN B 69 3.09 -1.90 20.00
CA GLN B 69 3.17 -2.90 21.09
C GLN B 69 4.56 -2.90 21.77
N ALA B 70 5.66 -2.93 21.03
CA ALA B 70 7.02 -2.91 21.57
C ALA B 70 7.23 -1.57 22.32
N PHE B 71 6.70 -0.47 21.76
CA PHE B 71 6.77 0.89 22.37
C PHE B 71 6.09 0.92 23.76
N LEU B 72 4.85 0.50 23.85
CA LEU B 72 4.12 0.50 25.16
C LEU B 72 4.90 -0.37 26.20
N LYS B 73 5.36 -1.55 25.82
CA LYS B 73 6.17 -2.46 26.66
C LYS B 73 7.47 -1.75 27.09
N ALA B 74 8.13 -1.02 26.19
CA ALA B 74 9.36 -0.32 26.56
C ALA B 74 9.04 0.80 27.56
N LEU B 75 7.95 1.54 27.37
CA LEU B 75 7.54 2.61 28.30
C LEU B 75 7.36 2.03 29.72
N MET B 76 6.66 0.92 29.81
CA MET B 76 6.38 0.31 31.11
C MET B 76 7.64 -0.37 31.69
N SER B 77 8.57 -0.84 30.88
CA SER B 77 9.84 -1.35 31.51
C SER B 77 10.63 -0.16 32.06
N ALA B 78 10.67 0.98 31.36
CA ALA B 78 11.47 2.18 31.74
C ALA B 78 10.87 2.91 32.91
N HIS B 79 9.53 3.01 32.94
CA HIS B 79 8.84 3.95 33.82
C HIS B 79 7.89 3.21 34.75
N GLY B 80 7.81 1.90 34.71
CA GLY B 80 7.01 1.19 35.73
C GLY B 80 5.74 0.58 35.18
N LYS B 81 5.34 -0.54 35.73
CA LYS B 81 4.14 -1.30 35.26
C LYS B 81 2.86 -0.47 35.40
N ASP B 82 2.80 0.54 36.27
CA ASP B 82 1.60 1.39 36.40
C ASP B 82 1.80 2.73 35.72
N PHE B 83 2.87 2.92 34.92
CA PHE B 83 3.16 4.22 34.31
C PHE B 83 1.95 4.74 33.49
N LEU B 84 1.27 3.89 32.74
CA LEU B 84 0.19 4.34 31.84
C LEU B 84 -1.10 4.66 32.62
N VAL B 85 -1.13 4.50 33.94
CA VAL B 85 -2.21 5.14 34.74
C VAL B 85 -2.17 6.65 34.57
N LYS B 86 -1.00 7.24 34.36
CA LYS B 86 -0.89 8.71 34.23
C LYS B 86 -1.65 9.22 33.00
N VAL B 87 -1.82 8.37 32.00
CA VAL B 87 -2.59 8.72 30.77
C VAL B 87 -4.03 8.23 30.84
N PHE B 88 -4.26 6.93 31.16
CA PHE B 88 -5.58 6.28 30.98
C PHE B 88 -6.37 6.11 32.28
N GLY B 89 -5.78 6.39 33.44
CA GLY B 89 -6.46 6.17 34.70
C GLY B 89 -6.25 4.73 35.17
N PRO B 90 -6.90 4.39 36.28
CA PRO B 90 -6.70 3.12 36.98
C PRO B 90 -6.89 1.83 36.18
N LYS B 91 -7.64 1.84 35.10
CA LYS B 91 -7.74 0.61 34.27
C LYS B 91 -6.39 0.27 33.64
N ALA B 92 -5.44 1.18 33.63
CA ALA B 92 -4.09 1.00 33.03
C ALA B 92 -3.12 0.32 33.99
N LYS B 93 -3.51 0.14 35.25
CA LYS B 93 -2.66 -0.46 36.30
C LYS B 93 -2.18 -1.84 35.87
N ALA B 94 -1.01 -2.26 36.34
CA ALA B 94 -0.52 -3.66 36.21
C ALA B 94 -0.44 -3.94 34.71
N GLU B 95 0.27 -3.12 33.94
CA GLU B 95 0.52 -3.38 32.49
C GLU B 95 -0.82 -3.49 31.72
N LEU B 96 -1.70 -2.51 31.90
CA LEU B 96 -2.94 -2.33 31.09
C LEU B 96 -3.92 -3.49 31.32
N SER B 97 -3.85 -4.17 32.48
CA SER B 97 -4.73 -5.32 32.82
C SER B 97 -6.21 -4.96 32.64
N GLY B 98 -6.65 -3.81 33.17
CA GLY B 98 -8.07 -3.41 33.12
C GLY B 98 -8.48 -2.98 31.72
N MET B 99 -7.54 -2.86 30.79
CA MET B 99 -7.83 -2.46 29.36
C MET B 99 -7.64 -3.64 28.40
N GLY B 100 -7.42 -4.87 28.90
CA GLY B 100 -7.30 -6.11 28.11
C GLY B 100 -5.86 -6.43 27.75
N GLY B 101 -4.90 -5.69 28.30
CA GLY B 101 -3.46 -5.95 28.07
C GLY B 101 -2.87 -5.16 26.92
N VAL B 102 -1.54 -5.17 26.82
CA VAL B 102 -0.79 -4.28 25.90
C VAL B 102 -1.15 -4.60 24.44
N ASP B 103 -1.31 -5.86 24.04
CA ASP B 103 -1.67 -6.21 22.63
C ASP B 103 -3.02 -5.59 22.24
N LYS B 104 -4.03 -5.68 23.09
CA LYS B 104 -5.36 -5.14 22.75
C LYS B 104 -5.30 -3.62 22.73
N VAL B 105 -4.54 -3.01 23.65
CA VAL B 105 -4.43 -1.54 23.68
C VAL B 105 -3.67 -1.06 22.44
N ALA B 106 -2.61 -1.76 22.05
CA ALA B 106 -1.86 -1.36 20.84
C ALA B 106 -2.75 -1.48 19.61
N VAL B 107 -3.52 -2.54 19.47
CA VAL B 107 -4.49 -2.66 18.32
C VAL B 107 -5.49 -1.48 18.38
N ALA B 108 -6.07 -1.16 19.55
CA ALA B 108 -7.11 -0.11 19.68
C ALA B 108 -6.49 1.25 19.33
N LEU B 109 -5.26 1.56 19.79
CA LEU B 109 -4.60 2.86 19.45
C LEU B 109 -4.30 2.96 17.94
N SER B 110 -4.04 1.83 17.31
CA SER B 110 -3.76 1.78 15.83
C SER B 110 -5.01 1.94 14.96
N GLN B 111 -6.15 1.41 15.39
N GLN B 111 -6.17 1.44 15.37
CA GLN B 111 -7.33 1.20 14.50
CA GLN B 111 -7.30 1.29 14.41
C GLN B 111 -8.50 2.12 14.83
C GLN B 111 -8.56 2.03 14.88
N THR B 112 -8.56 2.67 16.06
CA THR B 112 -9.74 3.45 16.50
C THR B 112 -9.55 4.88 16.03
N PRO B 113 -10.51 5.44 15.24
CA PRO B 113 -10.27 6.73 14.61
C PRO B 113 -10.11 7.82 15.68
N THR B 114 -10.92 7.85 16.73
CA THR B 114 -10.96 8.99 17.68
C THR B 114 -10.80 8.56 19.16
N ALA B 115 -10.40 9.51 20.01
CA ALA B 115 -10.19 9.29 21.45
C ALA B 115 -11.53 8.85 22.08
N ASP B 116 -12.66 9.37 21.60
CA ASP B 116 -14.02 9.04 22.10
C ASP B 116 -14.38 7.58 21.80
N LEU B 117 -14.06 7.09 20.60
CA LEU B 117 -14.30 5.68 20.25
C LEU B 117 -13.31 4.78 20.98
N PHE B 118 -12.07 5.23 21.17
CA PHE B 118 -11.11 4.46 21.96
C PHE B 118 -11.62 4.34 23.40
N ALA B 119 -11.99 5.47 24.01
CA ALA B 119 -12.53 5.55 25.38
C ALA B 119 -13.71 4.61 25.52
N SER B 120 -14.66 4.62 24.59
CA SER B 120 -15.89 3.79 24.76
C SER B 120 -15.47 2.30 24.66
N GLU B 121 -14.55 1.94 23.78
CA GLU B 121 -14.13 0.52 23.67
C GLU B 121 -13.35 0.10 24.94
N MET B 122 -12.49 0.96 25.51
CA MET B 122 -11.66 0.64 26.70
C MET B 122 -12.47 0.82 27.98
N LYS B 123 -13.73 1.26 27.87
CA LYS B 123 -14.65 1.53 28.99
C LYS B 123 -14.04 2.53 29.93
N LEU B 124 -13.40 3.57 29.41
CA LEU B 124 -12.99 4.75 30.23
C LEU B 124 -14.24 5.58 30.49
N ASP B 125 -14.37 6.20 31.66
CA ASP B 125 -15.56 7.06 31.94
C ASP B 125 -15.24 8.46 31.40
N ASP B 126 -16.20 9.40 31.50
CA ASP B 126 -16.09 10.78 30.97
C ASP B 126 -14.86 11.46 31.57
N GLY B 127 -14.71 11.40 32.90
CA GLY B 127 -13.62 11.99 33.68
C GLY B 127 -12.28 11.46 33.14
N GLU B 128 -12.18 10.16 32.96
CA GLU B 128 -10.93 9.52 32.48
C GLU B 128 -10.60 9.95 31.04
N THR B 129 -11.57 10.00 30.18
CA THR B 129 -11.42 10.41 28.77
C THR B 129 -10.91 11.87 28.75
N GLN B 130 -11.56 12.73 29.51
CA GLN B 130 -11.16 14.15 29.56
C GLN B 130 -9.72 14.26 30.06
N HIS B 131 -9.36 13.53 31.11
CA HIS B 131 -8.00 13.63 31.67
C HIS B 131 -7.01 13.08 30.62
N MET B 132 -7.32 11.99 29.92
CA MET B 132 -6.44 11.42 28.89
C MET B 132 -6.12 12.56 27.89
N LEU B 133 -7.12 13.21 27.38
CA LEU B 133 -6.94 14.29 26.37
C LEU B 133 -6.12 15.45 26.96
N GLU B 134 -6.32 15.82 28.22
CA GLU B 134 -5.53 16.85 28.93
C GLU B 134 -4.09 16.46 29.03
N VAL B 135 -3.81 15.20 29.38
CA VAL B 135 -2.43 14.68 29.50
C VAL B 135 -1.79 14.73 28.13
N MET B 136 -2.49 14.26 27.09
CA MET B 136 -1.90 14.23 25.71
C MET B 136 -1.59 15.66 25.23
N GLU B 137 -2.47 16.60 25.53
CA GLU B 137 -2.26 18.02 25.18
C GLU B 137 -1.04 18.53 25.93
N GLY B 138 -0.91 18.22 27.22
CA GLY B 138 0.23 18.59 28.07
C GLY B 138 1.55 18.06 27.48
N ILE B 139 1.56 16.82 27.00
CA ILE B 139 2.72 16.18 26.31
C ILE B 139 3.09 17.02 25.07
N LEU B 140 2.12 17.46 24.26
CA LEU B 140 2.42 18.30 23.06
C LEU B 140 2.98 19.64 23.50
N ASN B 141 2.55 20.12 24.67
CA ASN B 141 2.93 21.45 25.16
C ASN B 141 4.34 21.47 25.79
N GLY B 142 4.81 20.34 26.33
CA GLY B 142 6.05 20.30 27.14
C GLY B 142 5.74 20.46 28.62
N SER B 143 4.48 20.27 29.03
CA SER B 143 4.05 20.40 30.45
C SER B 143 4.69 19.26 31.24
N THR B 144 5.12 19.50 32.47
CA THR B 144 5.60 18.36 33.31
C THR B 144 4.70 18.22 34.55
N ASP B 145 3.46 18.65 34.45
CA ASP B 145 2.48 18.57 35.56
C ASP B 145 2.10 17.11 35.84
N GLU B 146 2.15 16.22 34.85
N GLU B 146 2.09 16.28 34.80
CA GLU B 146 1.71 14.81 35.00
CA GLU B 146 1.69 14.85 34.89
C GLU B 146 2.86 13.83 34.70
C GLU B 146 2.97 14.00 34.80
N LEU B 147 3.64 14.09 33.65
CA LEU B 147 4.81 13.30 33.28
C LEU B 147 6.08 14.09 33.62
N THR B 148 7.17 13.40 33.94
CA THR B 148 8.49 14.07 33.97
C THR B 148 8.88 14.45 32.54
N SER B 149 9.90 15.26 32.45
CA SER B 149 10.54 15.68 31.19
C SER B 149 10.92 14.46 30.35
N ASN B 150 11.48 13.46 31.00
CA ASN B 150 11.93 12.22 30.32
C ASN B 150 10.77 11.33 29.88
N GLU B 151 9.78 11.11 30.75
CA GLU B 151 8.54 10.40 30.37
C GLU B 151 7.90 11.10 29.16
N ALA B 152 7.68 12.42 29.24
CA ALA B 152 6.99 13.17 28.15
C ALA B 152 7.82 13.06 26.87
N ALA B 153 9.15 13.18 26.93
CA ALA B 153 10.02 13.09 25.73
C ALA B 153 9.83 11.71 25.08
N ASP B 154 9.65 10.67 25.90
CA ASP B 154 9.54 9.29 25.34
C ASP B 154 8.21 9.18 24.63
N PHE B 155 7.19 9.90 25.09
CA PHE B 155 5.82 9.73 24.58
C PHE B 155 5.45 10.73 23.43
N ARG B 156 6.21 11.79 23.25
CA ARG B 156 5.78 12.98 22.46
C ARG B 156 5.59 12.63 20.98
N PHE B 157 6.51 11.96 20.32
CA PHE B 157 6.36 11.60 18.89
C PHE B 157 5.07 10.79 18.66
N PHE B 158 4.87 9.80 19.52
CA PHE B 158 3.71 8.90 19.44
C PHE B 158 2.41 9.71 19.56
N VAL B 159 2.34 10.61 20.55
CA VAL B 159 1.15 11.48 20.73
C VAL B 159 0.97 12.38 19.49
N GLN B 160 2.04 12.88 18.90
CA GLN B 160 1.97 13.70 17.65
C GLN B 160 1.39 12.85 16.52
N LYS B 161 1.76 11.58 16.39
CA LYS B 161 1.27 10.69 15.30
C LYS B 161 -0.24 10.49 15.50
N LEU B 162 -0.70 10.35 16.76
CA LEU B 162 -2.15 10.27 17.04
C LEU B 162 -2.84 11.60 16.64
N GLN B 163 -2.29 12.73 17.05
CA GLN B 163 -2.93 14.03 16.75
C GLN B 163 -3.00 14.19 15.22
N GLU B 164 -1.95 13.84 14.52
CA GLU B 164 -1.84 14.10 13.06
C GLU B 164 -2.82 13.23 12.30
N THR B 165 -3.26 12.10 12.87
CA THR B 165 -4.17 11.13 12.24
C THR B 165 -5.57 11.19 12.85
N GLY B 166 -5.98 12.30 13.43
CA GLY B 166 -7.39 12.54 13.79
C GLY B 166 -7.78 12.09 15.20
N PHE B 167 -6.86 11.62 16.02
CA PHE B 167 -7.28 10.96 17.28
C PHE B 167 -7.87 12.02 18.21
N PHE B 168 -7.28 13.21 18.23
CA PHE B 168 -7.79 14.32 19.06
C PHE B 168 -7.35 15.63 18.42
CA CA C . 9.41 -4.60 3.49
CA CA D . -10.97 2.08 -3.02
#